data_5X8A
#
_entry.id   5X8A
#
_cell.length_a   39.670
_cell.length_b   81.290
_cell.length_c   122.310
_cell.angle_alpha   90.00
_cell.angle_beta   90.00
_cell.angle_gamma   90.00
#
_symmetry.space_group_name_H-M   'P 21 21 21'
#
loop_
_entity.id
_entity.type
_entity.pdbx_description
1 polymer 'Thymidylate kinase'
2 non-polymer 'MAGNESIUM ION'
3 non-polymer 'CHLORIDE ION'
4 non-polymer "ADENOSINE-5'-TRIPHOSPHATE"
5 non-polymer DI(HYDROXYETHYL)ETHER
6 water water
#
_entity_poly.entity_id   1
_entity_poly.type   'polypeptide(L)'
_entity_poly.pdbx_seq_one_letter_code
;MPGLFLTLEGLDGSGKTTQARRLAAFLEAQGRPVLLTREPGGGLPEVRSLLLTQELSPEAEYLLFSADRAEHVRKVILPG
LAAGKVVISDRYLDSSLAYQGYGRGLPLPWLREVAREATRGLKPRLTFLLDLPPEAALRRVRRPDRLEGLGLEFFRRVRE
GYLALARAEPGRFVVLDATLPEEEIARAIQAHLRPLLP
;
_entity_poly.pdbx_strand_id   A,B
#
# COMPACT_ATOMS: atom_id res chain seq x y z
N PRO A 2 16.06 14.58 4.55
CA PRO A 2 16.90 13.40 4.64
C PRO A 2 16.29 12.24 5.44
N GLY A 3 16.74 11.02 5.16
CA GLY A 3 16.32 9.84 5.92
C GLY A 3 14.95 9.29 5.55
N LEU A 4 14.67 8.08 6.04
CA LEU A 4 13.41 7.36 5.78
C LEU A 4 13.00 6.53 6.99
N PHE A 5 11.83 6.85 7.56
CA PHE A 5 11.35 6.19 8.79
C PHE A 5 10.30 5.12 8.46
N LEU A 6 10.65 3.86 8.73
CA LEU A 6 9.79 2.71 8.49
C LEU A 6 9.50 2.01 9.81
N THR A 7 8.28 1.48 9.96
CA THR A 7 7.92 0.66 11.12
C THR A 7 7.28 -0.64 10.65
N LEU A 8 7.34 -1.64 11.51
CA LEU A 8 6.66 -2.91 11.30
C LEU A 8 5.76 -3.22 12.49
N GLU A 9 4.59 -3.77 12.20
CA GLU A 9 3.56 -4.01 13.22
C GLU A 9 2.94 -5.40 13.10
N GLY A 10 2.22 -5.79 14.14
CA GLY A 10 1.52 -7.07 14.19
C GLY A 10 1.68 -7.73 15.54
N LEU A 11 0.99 -8.85 15.72
CA LEU A 11 1.09 -9.64 16.94
C LEU A 11 2.45 -10.35 16.96
N ASP A 12 2.96 -10.68 18.15
CA ASP A 12 4.18 -11.49 18.22
C ASP A 12 3.86 -12.85 17.59
N GLY A 13 4.77 -13.32 16.74
CA GLY A 13 4.53 -14.51 15.93
C GLY A 13 4.06 -14.20 14.52
N SER A 14 3.63 -12.95 14.26
CA SER A 14 3.21 -12.55 12.91
C SER A 14 4.35 -12.57 11.88
N GLY A 15 5.59 -12.41 12.34
CA GLY A 15 6.76 -12.34 11.48
C GLY A 15 7.29 -10.93 11.23
N LYS A 16 6.74 -9.93 11.94
CA LYS A 16 7.19 -8.54 11.77
C LYS A 16 8.63 -8.33 12.27
N THR A 17 9.02 -9.07 13.31
CA THR A 17 10.40 -9.05 13.82
C THR A 17 11.39 -9.67 12.81
N THR A 18 11.03 -10.84 12.29
CA THR A 18 11.83 -11.54 11.26
C THR A 18 12.03 -10.63 10.03
N GLN A 19 10.93 -10.08 9.52
CA GLN A 19 10.96 -9.22 8.34
C GLN A 19 11.70 -7.89 8.57
N ALA A 20 11.61 -7.36 9.78
CA ALA A 20 12.36 -6.15 10.17
C ALA A 20 13.87 -6.38 10.15
N ARG A 21 14.30 -7.52 10.67
CA ARG A 21 15.70 -7.92 10.66
C ARG A 21 16.18 -8.22 9.24
N ARG A 22 15.34 -8.89 8.46
CA ARG A 22 15.62 -9.19 7.05
C ARG A 22 15.77 -7.94 6.18
N LEU A 23 14.91 -6.95 6.41
CA LEU A 23 14.99 -5.68 5.70
C LEU A 23 16.30 -4.95 5.99
N ALA A 24 16.74 -4.98 7.24
CA ALA A 24 17.99 -4.31 7.66
C ALA A 24 19.22 -4.92 6.98
N ALA A 25 19.26 -6.25 6.94
CA ALA A 25 20.35 -6.97 6.24
C ALA A 25 20.37 -6.68 4.74
N PHE A 26 19.19 -6.58 4.13
CA PHE A 26 19.07 -6.20 2.72
C PHE A 26 19.66 -4.81 2.44
N LEU A 27 19.33 -3.85 3.30
CA LEU A 27 19.84 -2.48 3.16
C LEU A 27 21.34 -2.39 3.44
N GLU A 28 21.79 -3.12 4.46
CA GLU A 28 23.22 -3.29 4.74
C GLU A 28 23.98 -3.89 3.55
N ALA A 29 23.39 -4.91 2.93
CA ALA A 29 23.97 -5.55 1.74
C ALA A 29 24.11 -4.61 0.53
N GLN A 30 23.20 -3.65 0.40
CA GLN A 30 23.26 -2.62 -0.64
C GLN A 30 24.03 -1.35 -0.25
N GLY A 31 24.72 -1.37 0.89
CA GLY A 31 25.50 -0.22 1.35
C GLY A 31 24.70 0.99 1.80
N ARG A 32 23.45 0.77 2.20
CA ARG A 32 22.58 1.83 2.71
C ARG A 32 22.68 1.85 4.23
N PRO A 33 22.99 3.01 4.85
CA PRO A 33 23.02 3.11 6.31
C PRO A 33 21.66 2.80 6.95
N VAL A 34 21.65 1.90 7.93
CA VAL A 34 20.43 1.44 8.59
C VAL A 34 20.54 1.53 10.10
N LEU A 35 19.40 1.79 10.76
CA LEU A 35 19.30 1.74 12.21
C LEU A 35 18.11 0.84 12.56
N LEU A 36 18.41 -0.41 12.91
CA LEU A 36 17.38 -1.33 13.40
C LEU A 36 17.17 -1.06 14.88
N THR A 37 15.92 -0.81 15.24
CA THR A 37 15.56 -0.57 16.64
C THR A 37 14.20 -1.21 16.95
N ARG A 38 13.69 -0.98 18.15
CA ARG A 38 12.44 -1.61 18.59
C ARG A 38 11.81 -0.87 19.76
N GLU A 39 10.56 -1.20 20.03
CA GLU A 39 9.86 -0.78 21.25
C GLU A 39 9.09 -1.98 21.82
N PRO A 40 8.98 -2.11 23.14
CA PRO A 40 9.56 -1.20 24.13
C PRO A 40 11.04 -1.48 24.39
N GLY A 41 11.82 -0.42 24.58
CA GLY A 41 13.24 -0.54 24.95
C GLY A 41 14.21 0.36 24.20
N GLY A 42 13.83 0.81 23.00
CA GLY A 42 14.70 1.63 22.15
C GLY A 42 15.14 2.96 22.76
N GLY A 43 14.24 3.60 23.50
CA GLY A 43 14.57 4.83 24.23
C GLY A 43 15.15 4.53 25.60
N LEU A 44 14.38 3.81 26.41
CA LEU A 44 14.76 3.44 27.78
C LEU A 44 14.68 1.92 27.96
N PRO A 45 15.83 1.22 27.86
CA PRO A 45 15.88 -0.26 28.01
C PRO A 45 15.24 -0.80 29.29
N GLU A 46 15.48 -0.10 30.40
CA GLU A 46 14.95 -0.49 31.72
C GLU A 46 13.42 -0.42 31.87
N VAL A 47 12.73 0.26 30.95
CA VAL A 47 11.26 0.26 30.91
C VAL A 47 10.69 -1.16 30.67
N ARG A 48 11.42 -1.98 29.90
CA ARG A 48 11.07 -3.39 29.69
C ARG A 48 10.92 -4.18 31.00
N SER A 49 11.81 -3.90 31.96
CA SER A 49 11.75 -4.50 33.29
C SER A 49 10.58 -3.96 34.12
N LEU A 50 10.33 -2.65 34.03
CA LEU A 50 9.25 -1.99 34.77
C LEU A 50 7.84 -2.42 34.31
N LEU A 51 7.72 -2.85 33.06
CA LEU A 51 6.45 -3.42 32.56
C LEU A 51 6.05 -4.71 33.28
N LEU A 52 7.02 -5.43 33.85
CA LEU A 52 6.78 -6.54 34.78
C LEU A 52 6.73 -6.00 36.21
N THR A 53 5.55 -5.51 36.62
CA THR A 53 5.34 -5.00 37.98
C THR A 53 4.00 -5.52 38.53
N GLN A 54 4.03 -5.96 39.79
CA GLN A 54 2.94 -6.68 40.48
C GLN A 54 1.59 -6.76 39.77
N GLU A 55 0.94 -5.60 39.61
CA GLU A 55 -0.36 -5.49 38.93
C GLU A 55 -0.49 -4.11 38.28
N LEU A 56 0.48 -3.80 37.41
CA LEU A 56 0.61 -2.49 36.76
C LEU A 56 -0.68 -2.08 36.04
N SER A 57 -1.14 -0.85 36.28
CA SER A 57 -2.36 -0.33 35.66
C SER A 57 -2.09 0.02 34.19
N PRO A 58 -3.13 -0.05 33.33
CA PRO A 58 -2.95 0.31 31.93
C PRO A 58 -2.53 1.77 31.68
N GLU A 59 -2.92 2.69 32.57
CA GLU A 59 -2.54 4.11 32.43
C GLU A 59 -1.05 4.29 32.63
N ALA A 60 -0.53 3.74 33.73
CA ALA A 60 0.92 3.72 33.99
C ALA A 60 1.68 2.98 32.89
N GLU A 61 1.13 1.86 32.43
CA GLU A 61 1.75 1.04 31.39
C GLU A 61 1.94 1.83 30.10
N TYR A 62 0.90 2.53 29.66
CA TYR A 62 1.00 3.39 28.48
C TYR A 62 2.01 4.54 28.67
N LEU A 63 1.99 5.15 29.86
CA LEU A 63 2.90 6.26 30.17
C LEU A 63 4.37 5.83 30.23
N LEU A 64 4.62 4.58 30.63
CA LEU A 64 5.96 3.99 30.52
C LEU A 64 6.36 3.81 29.05
N PHE A 65 5.44 3.26 28.25
CA PHE A 65 5.62 3.17 26.79
C PHE A 65 5.85 4.53 26.14
N SER A 66 5.12 5.55 26.59
CA SER A 66 5.26 6.91 26.06
C SER A 66 6.58 7.55 26.45
N ALA A 67 6.97 7.40 27.72
CA ALA A 67 8.26 7.91 28.20
C ALA A 67 9.41 7.30 27.42
N ASP A 68 9.36 5.98 27.25
CA ASP A 68 10.28 5.23 26.40
C ASP A 68 10.29 5.77 24.96
N ARG A 69 9.10 5.89 24.36
CA ARG A 69 8.96 6.36 22.98
C ARG A 69 9.36 7.83 22.79
N ALA A 70 9.12 8.66 23.81
CA ALA A 70 9.55 10.05 23.83
C ALA A 70 11.05 10.17 23.68
N GLU A 71 11.76 9.31 24.41
CA GLU A 71 13.21 9.23 24.36
C GLU A 71 13.71 8.55 23.09
N HIS A 72 12.95 7.56 22.61
CA HIS A 72 13.26 6.83 21.37
C HIS A 72 13.24 7.72 20.14
N VAL A 73 12.31 8.67 20.10
CA VAL A 73 12.20 9.63 19.00
C VAL A 73 13.37 10.63 19.05
N ARG A 74 13.63 11.19 20.23
CA ARG A 74 14.60 12.27 20.38
C ARG A 74 16.06 11.82 20.37
N LYS A 75 16.35 10.66 20.98
CA LYS A 75 17.73 10.16 21.12
C LYS A 75 18.18 9.22 20.00
N VAL A 76 17.26 8.49 19.38
CA VAL A 76 17.60 7.45 18.39
C VAL A 76 17.08 7.76 16.99
N ILE A 77 15.77 7.93 16.84
CA ILE A 77 15.14 8.00 15.52
C ILE A 77 15.46 9.30 14.77
N LEU A 78 15.16 10.44 15.37
CA LEU A 78 15.39 11.75 14.72
C LEU A 78 16.86 12.05 14.39
N PRO A 79 17.80 11.72 15.30
CA PRO A 79 19.22 11.77 14.92
C PRO A 79 19.59 10.83 13.76
N GLY A 80 18.99 9.64 13.74
CA GLY A 80 19.17 8.68 12.65
C GLY A 80 18.67 9.19 11.31
N LEU A 81 17.47 9.77 11.31
CA LEU A 81 16.86 10.32 10.08
C LEU A 81 17.63 11.54 9.57
N ALA A 82 18.06 12.42 10.49
CA ALA A 82 18.90 13.56 10.16
C ALA A 82 20.21 13.16 9.45
N ALA A 83 20.76 12.01 9.84
CA ALA A 83 21.99 11.46 9.25
C ALA A 83 21.79 10.67 7.95
N GLY A 84 20.56 10.61 7.42
CA GLY A 84 20.27 9.95 6.15
C GLY A 84 19.97 8.45 6.22
N LYS A 85 19.88 7.91 7.44
CA LYS A 85 19.69 6.47 7.62
C LYS A 85 18.25 6.06 7.38
N VAL A 86 18.05 4.79 7.01
CA VAL A 86 16.74 4.17 7.03
C VAL A 86 16.56 3.64 8.45
N VAL A 87 15.67 4.27 9.21
CA VAL A 87 15.39 3.84 10.58
C VAL A 87 14.22 2.86 10.55
N ILE A 88 14.49 1.62 10.94
CA ILE A 88 13.46 0.57 11.03
C ILE A 88 13.20 0.29 12.50
N SER A 89 11.97 0.56 12.95
CA SER A 89 11.55 0.24 14.32
C SER A 89 10.54 -0.91 14.33
N ASP A 90 10.88 -1.96 15.09
CA ASP A 90 9.97 -3.06 15.38
C ASP A 90 9.00 -2.55 16.46
N ARG A 91 7.78 -2.24 16.06
CA ARG A 91 6.76 -1.55 16.88
C ARG A 91 7.07 -0.06 17.07
N TYR A 92 6.02 0.75 16.98
CA TYR A 92 6.09 2.20 17.26
C TYR A 92 4.76 2.58 17.94
N LEU A 93 4.04 3.63 17.49
CA LEU A 93 2.90 4.18 18.23
C LEU A 93 1.67 3.29 18.03
N ASP A 94 1.53 2.72 16.83
CA ASP A 94 0.40 1.85 16.49
C ASP A 94 0.26 0.64 17.44
N SER A 95 1.39 0.15 17.95
CA SER A 95 1.39 -0.89 19.00
C SER A 95 0.65 -0.42 20.24
N SER A 96 0.97 0.77 20.74
CA SER A 96 0.29 1.31 21.92
C SER A 96 -1.19 1.52 21.66
N LEU A 97 -1.53 2.05 20.48
CA LEU A 97 -2.93 2.24 20.11
C LEU A 97 -3.70 0.93 20.02
N ALA A 98 -3.08 -0.09 19.42
CA ALA A 98 -3.72 -1.41 19.27
C ALA A 98 -3.83 -2.18 20.59
N TYR A 99 -2.73 -2.22 21.36
CA TYR A 99 -2.66 -3.03 22.60
C TYR A 99 -3.27 -2.35 23.83
N GLN A 100 -2.96 -1.07 24.05
CA GLN A 100 -3.48 -0.32 25.21
C GLN A 100 -4.81 0.38 24.92
N GLY A 101 -5.02 0.80 23.67
CA GLY A 101 -6.28 1.39 23.24
C GLY A 101 -7.34 0.34 23.05
N TYR A 102 -7.26 -0.39 21.94
CA TYR A 102 -8.26 -1.42 21.60
C TYR A 102 -8.24 -2.64 22.53
N GLY A 103 -7.04 -3.07 22.93
CA GLY A 103 -6.90 -4.21 23.83
C GLY A 103 -7.37 -3.92 25.25
N ARG A 104 -6.59 -3.12 25.98
CA ARG A 104 -6.88 -2.84 27.39
C ARG A 104 -8.05 -1.87 27.63
N GLY A 105 -8.44 -1.12 26.59
CA GLY A 105 -9.64 -0.29 26.65
C GLY A 105 -9.46 1.16 27.06
N LEU A 106 -8.24 1.69 26.96
CA LEU A 106 -7.99 3.11 27.23
C LEU A 106 -8.51 3.95 26.06
N PRO A 107 -9.00 5.18 26.35
CA PRO A 107 -9.59 5.99 25.28
C PRO A 107 -8.56 6.46 24.26
N LEU A 108 -8.86 6.26 22.98
CA LEU A 108 -7.98 6.62 21.86
C LEU A 108 -7.65 8.13 21.80
N PRO A 109 -8.64 9.01 22.05
CA PRO A 109 -8.36 10.45 22.07
C PRO A 109 -7.30 10.88 23.08
N TRP A 110 -7.34 10.29 24.28
CA TRP A 110 -6.31 10.54 25.29
C TRP A 110 -4.94 10.05 24.84
N LEU A 111 -4.89 8.85 24.28
CA LEU A 111 -3.64 8.28 23.78
C LEU A 111 -3.01 9.16 22.70
N ARG A 112 -3.82 9.59 21.73
CA ARG A 112 -3.33 10.46 20.64
C ARG A 112 -2.91 11.85 21.12
N GLU A 113 -3.59 12.38 22.14
CA GLU A 113 -3.21 13.66 22.75
C GLU A 113 -1.87 13.56 23.47
N VAL A 114 -1.67 12.47 24.21
CA VAL A 114 -0.39 12.19 24.89
C VAL A 114 0.72 11.98 23.86
N ALA A 115 0.44 11.17 22.84
CA ALA A 115 1.42 10.86 21.78
C ALA A 115 1.91 12.08 21.01
N ARG A 116 1.06 13.09 20.86
CA ARG A 116 1.36 14.29 20.07
C ARG A 116 2.69 14.98 20.43
N GLU A 117 3.03 15.06 21.72
CA GLU A 117 4.32 15.61 22.17
C GLU A 117 5.37 14.52 22.39
N ALA A 118 4.96 13.33 22.84
CA ALA A 118 5.90 12.20 22.96
C ALA A 118 6.58 11.91 21.64
N THR A 119 5.79 11.83 20.56
CA THR A 119 6.31 11.53 19.22
C THR A 119 6.84 12.74 18.44
N ARG A 120 6.64 13.96 18.95
CA ARG A 120 6.99 15.20 18.22
C ARG A 120 6.25 15.33 16.87
N GLY A 121 5.08 14.68 16.76
CA GLY A 121 4.34 14.59 15.49
C GLY A 121 4.93 13.68 14.42
N LEU A 122 5.93 12.86 14.79
CA LEU A 122 6.66 12.03 13.84
C LEU A 122 5.86 10.77 13.48
N LYS A 123 5.54 10.63 12.19
CA LYS A 123 4.86 9.45 11.66
C LYS A 123 5.81 8.75 10.68
N PRO A 124 5.81 7.41 10.65
CA PRO A 124 6.61 6.72 9.64
C PRO A 124 6.07 6.92 8.22
N ARG A 125 6.98 6.89 7.24
CA ARG A 125 6.63 7.00 5.83
C ARG A 125 5.76 5.81 5.40
N LEU A 126 6.12 4.62 5.87
CA LEU A 126 5.31 3.41 5.69
C LEU A 126 5.31 2.57 6.96
N THR A 127 4.20 1.86 7.20
CA THR A 127 4.09 0.90 8.29
C THR A 127 3.59 -0.43 7.73
N PHE A 128 4.43 -1.45 7.84
CA PHE A 128 4.09 -2.78 7.34
C PHE A 128 3.40 -3.57 8.45
N LEU A 129 2.09 -3.77 8.27
CA LEU A 129 1.30 -4.57 9.21
C LEU A 129 1.27 -6.00 8.72
N LEU A 130 1.84 -6.91 9.51
CA LEU A 130 1.79 -8.34 9.22
C LEU A 130 0.53 -8.90 9.87
N ASP A 131 -0.56 -8.93 9.10
CA ASP A 131 -1.87 -9.33 9.62
C ASP A 131 -2.06 -10.84 9.52
N LEU A 132 -2.57 -11.43 10.60
CA LEU A 132 -3.06 -12.81 10.59
C LEU A 132 -4.07 -13.00 11.73
N PRO A 133 -4.81 -14.13 11.73
CA PRO A 133 -5.70 -14.41 12.86
C PRO A 133 -4.93 -14.63 14.16
N PRO A 134 -5.46 -14.12 15.29
CA PRO A 134 -4.76 -14.22 16.58
C PRO A 134 -4.53 -15.67 17.07
N GLU A 135 -5.42 -16.58 16.68
CA GLU A 135 -5.25 -18.00 16.95
C GLU A 135 -3.98 -18.53 16.28
N ALA A 136 -3.75 -18.09 15.04
CA ALA A 136 -2.52 -18.42 14.31
C ALA A 136 -1.28 -17.82 14.97
N ALA A 137 -1.38 -16.57 15.40
CA ALA A 137 -0.27 -15.88 16.08
C ALA A 137 0.11 -16.54 17.40
N LEU A 138 -0.90 -16.82 18.22
CA LEU A 138 -0.70 -17.48 19.53
C LEU A 138 -0.02 -18.85 19.44
N ARG A 139 -0.37 -19.64 18.43
CA ARG A 139 0.24 -20.98 18.24
C ARG A 139 1.73 -20.93 17.86
N ARG A 140 2.15 -19.89 17.13
CA ARG A 140 3.52 -19.81 16.60
C ARG A 140 4.59 -19.56 17.66
N VAL A 141 4.34 -18.61 18.54
CA VAL A 141 5.26 -18.26 19.64
C VAL A 141 4.46 -17.94 20.90
N ARG A 142 5.07 -18.16 22.06
CA ARG A 142 4.49 -17.75 23.34
C ARG A 142 4.46 -16.22 23.44
N ARG A 143 3.53 -15.69 24.24
CA ARG A 143 3.41 -14.25 24.44
C ARG A 143 4.56 -13.75 25.31
N PRO A 144 4.90 -12.44 25.20
CA PRO A 144 5.89 -11.89 26.13
C PRO A 144 5.33 -11.84 27.55
N ASP A 145 6.21 -11.88 28.55
CA ASP A 145 5.81 -11.99 29.96
C ASP A 145 4.93 -10.83 30.46
N ARG A 146 5.08 -9.65 29.86
CA ARG A 146 4.21 -8.50 30.14
C ARG A 146 2.73 -8.73 29.77
N LEU A 147 2.48 -9.63 28.81
CA LEU A 147 1.12 -10.01 28.39
C LEU A 147 0.70 -11.40 28.93
N GLU A 148 1.15 -11.75 30.13
CA GLU A 148 0.86 -13.06 30.73
C GLU A 148 -0.55 -13.11 31.30
N GLY A 149 -1.26 -14.21 31.06
CA GLY A 149 -2.61 -14.41 31.59
C GLY A 149 -3.69 -13.57 30.92
N LEU A 150 -3.62 -13.47 29.60
CA LEU A 150 -4.60 -12.74 28.80
C LEU A 150 -5.22 -13.70 27.79
N GLY A 151 -6.55 -13.65 27.68
CA GLY A 151 -7.29 -14.57 26.83
C GLY A 151 -7.18 -14.28 25.35
N LEU A 152 -7.79 -15.14 24.55
CA LEU A 152 -7.82 -14.98 23.09
C LEU A 152 -8.53 -13.69 22.65
N GLU A 153 -9.55 -13.28 23.41
CA GLU A 153 -10.35 -12.11 23.06
C GLU A 153 -9.58 -10.80 23.16
N PHE A 154 -8.59 -10.74 24.05
CA PHE A 154 -7.66 -9.61 24.10
C PHE A 154 -6.98 -9.43 22.74
N PHE A 155 -6.32 -10.49 22.28
CA PHE A 155 -5.53 -10.44 21.05
C PHE A 155 -6.38 -10.29 19.78
N ARG A 156 -7.65 -10.67 19.85
CA ARG A 156 -8.62 -10.40 18.77
C ARG A 156 -8.92 -8.90 18.65
N ARG A 157 -9.15 -8.24 19.80
CA ARG A 157 -9.33 -6.77 19.82
C ARG A 157 -8.10 -6.04 19.30
N VAL A 158 -6.91 -6.55 19.61
CA VAL A 158 -5.65 -5.96 19.14
C VAL A 158 -5.50 -6.15 17.62
N ARG A 159 -5.81 -7.36 17.15
CA ARG A 159 -5.78 -7.68 15.71
C ARG A 159 -6.72 -6.76 14.94
N GLU A 160 -7.96 -6.65 15.41
CA GLU A 160 -8.95 -5.77 14.77
C GLU A 160 -8.63 -4.28 14.93
N GLY A 161 -7.99 -3.91 16.05
CA GLY A 161 -7.52 -2.55 16.27
C GLY A 161 -6.51 -2.10 15.23
N TYR A 162 -5.51 -2.95 14.97
CA TYR A 162 -4.55 -2.71 13.90
C TYR A 162 -5.21 -2.44 12.55
N LEU A 163 -6.19 -3.29 12.20
CA LEU A 163 -6.93 -3.15 10.93
C LEU A 163 -7.76 -1.87 10.87
N ALA A 164 -8.33 -1.45 12.01
CA ALA A 164 -9.05 -0.18 12.10
C ALA A 164 -8.12 1.01 11.85
N LEU A 165 -6.93 0.96 12.44
CA LEU A 165 -5.90 1.98 12.21
C LEU A 165 -5.48 2.03 10.74
N ALA A 166 -5.37 0.85 10.13
CA ALA A 166 -5.03 0.73 8.71
C ALA A 166 -6.09 1.35 7.79
N ARG A 167 -7.37 1.18 8.12
CA ARG A 167 -8.46 1.83 7.37
C ARG A 167 -8.40 3.36 7.45
N ALA A 168 -8.11 3.89 8.65
CA ALA A 168 -8.02 5.34 8.87
C ALA A 168 -6.81 5.99 8.18
N GLU A 169 -5.71 5.25 8.07
CA GLU A 169 -4.49 5.70 7.39
C GLU A 169 -4.03 4.68 6.34
N PRO A 170 -4.79 4.56 5.22
CA PRO A 170 -4.51 3.54 4.20
C PRO A 170 -3.26 3.83 3.35
N GLY A 171 -2.83 5.09 3.29
CA GLY A 171 -1.58 5.47 2.63
C GLY A 171 -0.37 5.00 3.40
N ARG A 172 -0.37 5.21 4.71
CA ARG A 172 0.75 4.83 5.57
C ARG A 172 0.84 3.31 5.75
N PHE A 173 -0.27 2.70 6.17
CA PHE A 173 -0.32 1.26 6.42
C PHE A 173 -0.25 0.43 5.14
N VAL A 174 0.68 -0.52 5.11
CA VAL A 174 0.73 -1.56 4.09
C VAL A 174 0.40 -2.89 4.77
N VAL A 175 -0.87 -3.30 4.63
CA VAL A 175 -1.39 -4.52 5.25
C VAL A 175 -1.00 -5.73 4.41
N LEU A 176 -0.36 -6.71 5.05
CA LEU A 176 0.10 -7.94 4.39
C LEU A 176 -0.46 -9.17 5.08
N ASP A 177 -0.73 -10.21 4.29
CA ASP A 177 -1.17 -11.50 4.81
C ASP A 177 0.03 -12.25 5.35
N ALA A 178 0.07 -12.45 6.68
CA ALA A 178 1.20 -13.09 7.35
C ALA A 178 1.13 -14.62 7.38
N THR A 179 0.16 -15.20 6.68
CA THR A 179 0.10 -16.65 6.44
C THR A 179 0.72 -17.03 5.08
N LEU A 180 1.25 -16.05 4.35
CA LEU A 180 1.97 -16.30 3.11
C LEU A 180 3.41 -16.75 3.42
N PRO A 181 4.10 -17.35 2.42
CA PRO A 181 5.51 -17.70 2.62
C PRO A 181 6.38 -16.51 3.01
N GLU A 182 7.42 -16.78 3.79
CA GLU A 182 8.32 -15.74 4.31
C GLU A 182 9.00 -14.97 3.17
N GLU A 183 9.39 -15.68 2.11
CA GLU A 183 10.00 -15.06 0.93
C GLU A 183 9.07 -14.11 0.21
N GLU A 184 7.79 -14.50 0.13
CA GLU A 184 6.77 -13.71 -0.54
C GLU A 184 6.46 -12.42 0.21
N ILE A 185 6.54 -12.46 1.54
CA ILE A 185 6.32 -11.27 2.37
C ILE A 185 7.53 -10.34 2.28
N ALA A 186 8.74 -10.92 2.32
CA ALA A 186 9.97 -10.14 2.11
C ALA A 186 10.01 -9.50 0.72
N ARG A 187 9.55 -10.22 -0.30
CA ARG A 187 9.47 -9.68 -1.66
C ARG A 187 8.48 -8.51 -1.74
N ALA A 188 7.35 -8.63 -1.04
CA ALA A 188 6.30 -7.60 -1.03
C ALA A 188 6.75 -6.32 -0.30
N ILE A 189 7.41 -6.48 0.85
CA ILE A 189 7.97 -5.35 1.60
C ILE A 189 9.04 -4.62 0.78
N GLN A 190 9.88 -5.39 0.08
CA GLN A 190 10.94 -4.83 -0.80
C GLN A 190 10.35 -3.99 -1.95
N ALA A 191 9.27 -4.48 -2.53
CA ALA A 191 8.62 -3.84 -3.68
C ALA A 191 7.96 -2.51 -3.33
N HIS A 192 7.34 -2.44 -2.14
CA HIS A 192 6.76 -1.19 -1.65
C HIS A 192 7.80 -0.11 -1.38
N LEU A 193 9.01 -0.52 -0.98
CA LEU A 193 10.11 0.40 -0.66
C LEU A 193 11.02 0.76 -1.85
N ARG A 194 10.87 0.06 -2.98
CA ARG A 194 11.68 0.33 -4.18
C ARG A 194 11.62 1.81 -4.63
N PRO A 195 10.42 2.39 -4.81
CA PRO A 195 10.38 3.81 -5.20
C PRO A 195 10.76 4.82 -4.10
N LEU A 196 10.79 4.38 -2.85
CA LEU A 196 11.23 5.20 -1.71
C LEU A 196 12.75 5.11 -1.43
N LEU A 197 13.45 4.18 -2.10
CA LEU A 197 14.90 4.00 -1.92
C LEU A 197 15.60 3.65 -3.25
N PRO A 198 16.04 4.63 -4.06
CA PRO A 198 16.13 6.07 -3.77
C PRO A 198 16.49 6.56 -2.36
N PRO B 2 10.19 15.94 -13.32
CA PRO B 2 8.90 16.19 -12.69
C PRO B 2 7.76 15.34 -13.27
N GLY B 3 6.54 15.58 -12.79
CA GLY B 3 5.36 14.87 -13.25
C GLY B 3 5.10 13.62 -12.43
N LEU B 4 3.87 13.11 -12.53
CA LEU B 4 3.42 11.95 -11.77
C LEU B 4 2.39 11.18 -12.59
N PHE B 5 2.76 9.97 -13.00
CA PHE B 5 1.90 9.12 -13.84
C PHE B 5 1.10 8.16 -12.96
N LEU B 6 -0.22 8.24 -13.05
CA LEU B 6 -1.13 7.39 -12.28
C LEU B 6 -2.14 6.74 -13.22
N THR B 7 -2.61 5.55 -12.87
CA THR B 7 -3.63 4.86 -13.65
C THR B 7 -4.70 4.27 -12.74
N LEU B 8 -5.89 4.10 -13.30
CA LEU B 8 -6.98 3.42 -12.63
C LEU B 8 -7.37 2.20 -13.45
N GLU B 9 -7.58 1.08 -12.76
CA GLU B 9 -7.74 -0.22 -13.38
C GLU B 9 -8.84 -1.02 -12.69
N GLY B 10 -9.44 -1.94 -13.44
CA GLY B 10 -10.51 -2.80 -12.93
C GLY B 10 -11.48 -3.21 -14.02
N LEU B 11 -12.42 -4.09 -13.63
CA LEU B 11 -13.46 -4.59 -14.53
C LEU B 11 -14.39 -3.46 -15.00
N ASP B 12 -15.26 -3.79 -15.94
CA ASP B 12 -16.31 -2.88 -16.38
C ASP B 12 -17.25 -2.61 -15.21
N GLY B 13 -17.55 -1.33 -14.99
CA GLY B 13 -18.42 -0.91 -13.89
C GLY B 13 -17.79 -0.88 -12.51
N SER B 14 -16.46 -0.97 -12.44
CA SER B 14 -15.74 -0.98 -11.16
C SER B 14 -15.58 0.42 -10.53
N GLY B 15 -15.74 1.47 -11.33
CA GLY B 15 -15.64 2.85 -10.86
C GLY B 15 -14.41 3.63 -11.29
N LYS B 16 -13.68 3.13 -12.30
CA LYS B 16 -12.44 3.76 -12.79
C LYS B 16 -12.63 5.23 -13.15
N THR B 17 -13.54 5.48 -14.09
CA THR B 17 -13.81 6.83 -14.60
C THR B 17 -14.31 7.77 -13.50
N THR B 18 -15.15 7.27 -12.61
CA THR B 18 -15.66 8.04 -11.46
C THR B 18 -14.51 8.49 -10.55
N GLN B 19 -13.69 7.54 -10.11
CA GLN B 19 -12.53 7.86 -9.26
C GLN B 19 -11.44 8.66 -9.98
N ALA B 20 -11.30 8.45 -11.29
CA ALA B 20 -10.37 9.25 -12.11
C ALA B 20 -10.80 10.72 -12.16
N ARG B 21 -12.10 10.97 -12.33
CA ARG B 21 -12.63 12.34 -12.30
C ARG B 21 -12.62 12.96 -10.91
N ARG B 22 -12.90 12.15 -9.88
CA ARG B 22 -12.78 12.60 -8.48
C ARG B 22 -11.37 13.05 -8.13
N LEU B 23 -10.38 12.26 -8.55
CA LEU B 23 -8.98 12.59 -8.32
C LEU B 23 -8.54 13.83 -9.10
N ALA B 24 -8.94 13.91 -10.37
CA ALA B 24 -8.62 15.07 -11.21
C ALA B 24 -9.12 16.35 -10.56
N ALA B 25 -10.40 16.37 -10.19
CA ALA B 25 -11.02 17.54 -9.54
C ALA B 25 -10.40 17.88 -8.19
N PHE B 26 -9.98 16.86 -7.44
CA PHE B 26 -9.28 17.06 -6.16
C PHE B 26 -7.92 17.73 -6.35
N LEU B 27 -7.14 17.24 -7.32
CA LEU B 27 -5.83 17.81 -7.62
C LEU B 27 -5.96 19.21 -8.22
N GLU B 28 -6.94 19.38 -9.11
CA GLU B 28 -7.26 20.69 -9.69
C GLU B 28 -7.68 21.72 -8.64
N ALA B 29 -8.42 21.29 -7.61
CA ALA B 29 -8.80 22.17 -6.49
C ALA B 29 -7.60 22.66 -5.65
N GLN B 30 -6.54 21.87 -5.61
CA GLN B 30 -5.25 22.29 -5.01
C GLN B 30 -4.39 23.16 -5.95
N GLY B 31 -4.87 23.45 -7.15
CA GLY B 31 -4.11 24.23 -8.13
C GLY B 31 -2.95 23.49 -8.79
N ARG B 32 -3.06 22.17 -8.89
CA ARG B 32 -2.03 21.34 -9.52
C ARG B 32 -2.37 21.11 -10.99
N PRO B 33 -1.37 21.20 -11.91
CA PRO B 33 -1.63 20.82 -13.29
C PRO B 33 -1.94 19.33 -13.43
N VAL B 34 -2.98 19.01 -14.20
CA VAL B 34 -3.52 17.66 -14.33
C VAL B 34 -3.85 17.41 -15.79
N LEU B 35 -3.56 16.19 -16.26
CA LEU B 35 -3.97 15.73 -17.57
C LEU B 35 -4.75 14.43 -17.38
N LEU B 36 -6.08 14.51 -17.54
CA LEU B 36 -6.94 13.33 -17.51
C LEU B 36 -7.04 12.79 -18.93
N THR B 37 -6.67 11.52 -19.10
CA THR B 37 -6.69 10.85 -20.39
C THR B 37 -7.27 9.44 -20.21
N ARG B 38 -7.30 8.66 -21.29
CA ARG B 38 -7.89 7.32 -21.26
C ARG B 38 -7.36 6.43 -22.38
N GLU B 39 -7.61 5.12 -22.24
CA GLU B 39 -7.31 4.14 -23.27
C GLU B 39 -8.49 3.16 -23.43
N PRO B 40 -8.87 2.81 -24.66
CA PRO B 40 -8.26 3.26 -25.91
C PRO B 40 -8.71 4.67 -26.33
N GLY B 41 -8.08 5.20 -27.39
CA GLY B 41 -8.37 6.53 -27.93
C GLY B 41 -7.41 7.67 -27.58
N GLY B 42 -6.66 7.53 -26.48
CA GLY B 42 -5.79 8.60 -25.98
C GLY B 42 -4.67 9.06 -26.91
N GLY B 43 -4.13 8.13 -27.69
CA GLY B 43 -3.05 8.41 -28.65
C GLY B 43 -3.54 8.52 -30.08
N LEU B 44 -4.31 7.53 -30.51
CA LEU B 44 -5.01 7.51 -31.79
C LEU B 44 -6.51 7.39 -31.54
N PRO B 45 -7.26 8.52 -31.55
CA PRO B 45 -8.71 8.51 -31.34
C PRO B 45 -9.53 7.60 -32.29
N GLU B 46 -9.02 7.36 -33.50
CA GLU B 46 -9.73 6.56 -34.50
C GLU B 46 -9.73 5.04 -34.21
N VAL B 47 -8.87 4.59 -33.30
CA VAL B 47 -8.81 3.17 -32.91
C VAL B 47 -10.09 2.73 -32.19
N ARG B 48 -10.77 3.64 -31.51
CA ARG B 48 -12.06 3.35 -30.85
C ARG B 48 -13.16 2.87 -31.80
N SER B 49 -13.13 3.32 -33.04
CA SER B 49 -14.04 2.81 -34.09
C SER B 49 -13.77 1.33 -34.42
N LEU B 50 -12.49 0.96 -34.43
CA LEU B 50 -12.07 -0.43 -34.69
C LEU B 50 -12.30 -1.38 -33.50
N LEU B 51 -12.53 -0.82 -32.30
CA LEU B 51 -12.98 -1.60 -31.15
C LEU B 51 -14.35 -2.22 -31.44
N LEU B 52 -15.28 -1.40 -31.93
CA LEU B 52 -16.57 -1.87 -32.45
C LEU B 52 -16.43 -2.22 -33.94
N THR B 53 -15.77 -3.34 -34.22
CA THR B 53 -15.51 -3.82 -35.58
C THR B 53 -15.89 -5.29 -35.73
N GLN B 54 -16.17 -5.69 -36.97
CA GLN B 54 -16.79 -6.99 -37.27
C GLN B 54 -15.92 -8.20 -36.89
N GLU B 55 -16.07 -8.64 -35.64
CA GLU B 55 -15.43 -9.86 -35.12
C GLU B 55 -13.90 -9.81 -35.23
N LEU B 56 -13.31 -8.76 -34.68
CA LEU B 56 -11.86 -8.57 -34.72
C LEU B 56 -11.16 -9.59 -33.82
N SER B 57 -10.08 -10.19 -34.33
CA SER B 57 -9.33 -11.20 -33.59
C SER B 57 -8.64 -10.58 -32.37
N PRO B 58 -8.39 -11.37 -31.30
CA PRO B 58 -7.77 -10.82 -30.09
C PRO B 58 -6.32 -10.34 -30.27
N GLU B 59 -5.57 -10.96 -31.17
CA GLU B 59 -4.19 -10.54 -31.45
C GLU B 59 -4.17 -9.19 -32.17
N ALA B 60 -5.02 -9.04 -33.18
CA ALA B 60 -5.15 -7.77 -33.92
C ALA B 60 -5.69 -6.64 -33.03
N GLU B 61 -6.66 -6.97 -32.19
CA GLU B 61 -7.23 -6.03 -31.21
C GLU B 61 -6.15 -5.47 -30.28
N TYR B 62 -5.31 -6.35 -29.74
CA TYR B 62 -4.20 -5.95 -28.86
C TYR B 62 -3.16 -5.07 -29.56
N LEU B 63 -2.86 -5.39 -30.81
CA LEU B 63 -1.90 -4.62 -31.62
C LEU B 63 -2.42 -3.23 -32.00
N LEU B 64 -3.75 -3.09 -32.15
CA LEU B 64 -4.36 -1.76 -32.30
C LEU B 64 -4.28 -0.98 -31.00
N PHE B 65 -4.65 -1.61 -29.89
CA PHE B 65 -4.46 -1.05 -28.54
C PHE B 65 -3.02 -0.57 -28.33
N SER B 66 -2.06 -1.41 -28.71
CA SER B 66 -0.64 -1.11 -28.54
C SER B 66 -0.15 0.04 -29.41
N ALA B 67 -0.71 0.15 -30.62
CA ALA B 67 -0.42 1.29 -31.51
C ALA B 67 -0.93 2.59 -30.92
N ASP B 68 -2.17 2.57 -30.46
CA ASP B 68 -2.78 3.69 -29.73
C ASP B 68 -1.96 4.03 -28.48
N ARG B 69 -1.65 3.02 -27.68
CA ARG B 69 -0.88 3.20 -26.44
C ARG B 69 0.52 3.75 -26.71
N ALA B 70 1.15 3.27 -27.78
CA ALA B 70 2.46 3.79 -28.22
C ALA B 70 2.43 5.28 -28.53
N GLU B 71 1.39 5.70 -29.24
CA GLU B 71 1.18 7.10 -29.60
C GLU B 71 0.74 7.93 -28.38
N HIS B 72 -0.04 7.31 -27.51
CA HIS B 72 -0.52 7.92 -26.26
C HIS B 72 0.63 8.27 -25.32
N VAL B 73 1.58 7.34 -25.17
CA VAL B 73 2.78 7.54 -24.36
C VAL B 73 3.68 8.67 -24.89
N ARG B 74 3.89 8.70 -26.21
CA ARG B 74 4.89 9.60 -26.81
C ARG B 74 4.41 11.03 -27.04
N LYS B 75 3.13 11.20 -27.40
CA LYS B 75 2.59 12.52 -27.75
C LYS B 75 1.69 13.19 -26.70
N VAL B 76 1.23 12.42 -25.70
CA VAL B 76 0.35 12.96 -24.64
C VAL B 76 0.94 12.80 -23.24
N ILE B 77 1.28 11.57 -22.86
CA ILE B 77 1.64 11.25 -21.47
C ILE B 77 3.04 11.79 -21.10
N LEU B 78 4.05 11.48 -21.91
CA LEU B 78 5.43 11.91 -21.62
C LEU B 78 5.60 13.45 -21.64
N PRO B 79 5.04 14.14 -22.66
CA PRO B 79 5.00 15.61 -22.62
C PRO B 79 4.28 16.19 -21.39
N GLY B 80 3.18 15.54 -20.96
CA GLY B 80 2.46 15.94 -19.75
C GLY B 80 3.32 15.82 -18.50
N LEU B 81 4.03 14.71 -18.39
CA LEU B 81 5.00 14.50 -17.31
C LEU B 81 6.17 15.47 -17.40
N ALA B 82 6.64 15.75 -18.62
CA ALA B 82 7.70 16.75 -18.85
C ALA B 82 7.27 18.15 -18.40
N ALA B 83 5.99 18.47 -18.57
CA ALA B 83 5.42 19.75 -18.13
C ALA B 83 5.01 19.79 -16.64
N GLY B 84 5.34 18.76 -15.87
CA GLY B 84 5.04 18.70 -14.45
C GLY B 84 3.60 18.37 -14.08
N LYS B 85 2.81 17.88 -15.03
CA LYS B 85 1.42 17.50 -14.75
C LYS B 85 1.32 16.16 -14.04
N VAL B 86 0.25 16.01 -13.25
CA VAL B 86 -0.18 14.70 -12.79
C VAL B 86 -1.02 14.09 -13.93
N VAL B 87 -0.46 13.10 -14.62
CA VAL B 87 -1.16 12.44 -15.73
C VAL B 87 -1.92 11.22 -15.19
N ILE B 88 -3.25 11.27 -15.29
CA ILE B 88 -4.13 10.18 -14.87
C ILE B 88 -4.73 9.54 -16.12
N SER B 89 -4.48 8.24 -16.31
CA SER B 89 -5.02 7.50 -17.45
C SER B 89 -6.08 6.52 -16.99
N ASP B 90 -7.29 6.69 -17.53
CA ASP B 90 -8.40 5.76 -17.34
C ASP B 90 -8.11 4.54 -18.22
N ARG B 91 -7.53 3.50 -17.60
CA ARG B 91 -6.94 2.31 -18.25
C ARG B 91 -5.55 2.56 -18.86
N TYR B 92 -4.72 1.52 -18.79
CA TYR B 92 -3.36 1.52 -19.34
C TYR B 92 -2.99 0.05 -19.65
N LEU B 93 -1.73 -0.23 -20.03
CA LEU B 93 -1.22 -1.59 -20.30
C LEU B 93 -1.86 -2.73 -19.50
N ASP B 94 -2.04 -2.53 -18.20
CA ASP B 94 -2.62 -3.57 -17.32
C ASP B 94 -4.02 -4.03 -17.75
N SER B 95 -4.79 -3.13 -18.37
CA SER B 95 -6.07 -3.51 -18.98
C SER B 95 -5.88 -4.57 -20.05
N SER B 96 -4.95 -4.34 -20.96
CA SER B 96 -4.66 -5.30 -22.04
C SER B 96 -4.16 -6.63 -21.50
N LEU B 97 -3.23 -6.60 -20.54
CA LEU B 97 -2.70 -7.83 -19.92
C LEU B 97 -3.79 -8.67 -19.25
N ALA B 98 -4.72 -8.01 -18.56
CA ALA B 98 -5.82 -8.69 -17.90
C ALA B 98 -6.86 -9.23 -18.89
N TYR B 99 -7.30 -8.40 -19.82
CA TYR B 99 -8.34 -8.77 -20.79
C TYR B 99 -7.84 -9.74 -21.87
N GLN B 100 -6.72 -9.40 -22.51
CA GLN B 100 -6.17 -10.22 -23.61
C GLN B 100 -5.41 -11.44 -23.08
N GLY B 101 -4.57 -11.22 -22.08
CA GLY B 101 -3.75 -12.29 -21.49
C GLY B 101 -4.55 -13.32 -20.71
N TYR B 102 -5.08 -12.91 -19.55
CA TYR B 102 -5.83 -13.82 -18.68
C TYR B 102 -7.24 -14.12 -19.19
N GLY B 103 -7.90 -13.12 -19.79
CA GLY B 103 -9.27 -13.28 -20.27
C GLY B 103 -9.36 -14.07 -21.56
N ARG B 104 -8.75 -13.57 -22.62
CA ARG B 104 -8.82 -14.18 -23.95
C ARG B 104 -7.79 -15.31 -24.16
N GLY B 105 -6.72 -15.33 -23.38
CA GLY B 105 -5.77 -16.45 -23.34
C GLY B 105 -4.48 -16.27 -24.12
N LEU B 106 -4.16 -15.04 -24.53
CA LEU B 106 -2.95 -14.77 -25.32
C LEU B 106 -1.72 -14.90 -24.43
N PRO B 107 -0.59 -15.37 -24.98
CA PRO B 107 0.60 -15.62 -24.15
C PRO B 107 1.18 -14.31 -23.56
N LEU B 108 1.38 -14.29 -22.25
CA LEU B 108 1.85 -13.10 -21.52
C LEU B 108 3.24 -12.62 -21.95
N PRO B 109 4.19 -13.54 -22.20
CA PRO B 109 5.51 -13.10 -22.69
C PRO B 109 5.46 -12.32 -24.01
N TRP B 110 4.59 -12.76 -24.93
CA TRP B 110 4.36 -12.04 -26.18
C TRP B 110 3.75 -10.66 -25.94
N LEU B 111 2.79 -10.57 -25.03
CA LEU B 111 2.13 -9.30 -24.71
C LEU B 111 3.12 -8.30 -24.10
N ARG B 112 3.90 -8.75 -23.13
CA ARG B 112 4.95 -7.93 -22.51
C ARG B 112 6.08 -7.56 -23.49
N GLU B 113 6.39 -8.47 -24.42
CA GLU B 113 7.39 -8.21 -25.46
C GLU B 113 6.96 -7.07 -26.38
N VAL B 114 5.71 -7.12 -26.83
CA VAL B 114 5.10 -6.07 -27.65
C VAL B 114 5.04 -4.75 -26.87
N ALA B 115 4.61 -4.82 -25.61
CA ALA B 115 4.46 -3.64 -24.76
C ALA B 115 5.78 -2.93 -24.43
N ARG B 116 6.88 -3.67 -24.37
CA ARG B 116 8.19 -3.14 -23.96
C ARG B 116 8.64 -1.95 -24.80
N GLU B 117 8.45 -2.02 -26.11
CA GLU B 117 8.77 -0.91 -27.03
C GLU B 117 7.58 0.04 -27.23
N ALA B 118 6.36 -0.48 -27.22
CA ALA B 118 5.17 0.36 -27.31
C ALA B 118 5.11 1.39 -26.18
N THR B 119 5.27 0.92 -24.95
CA THR B 119 5.20 1.78 -23.76
C THR B 119 6.50 2.53 -23.46
N ARG B 120 7.61 2.13 -24.09
CA ARG B 120 8.93 2.73 -23.86
C ARG B 120 9.42 2.48 -22.41
N GLY B 121 8.97 1.37 -21.83
CA GLY B 121 9.27 1.04 -20.43
C GLY B 121 8.50 1.83 -19.37
N LEU B 122 7.60 2.73 -19.79
CA LEU B 122 6.93 3.66 -18.87
C LEU B 122 5.88 2.96 -18.01
N LYS B 123 6.21 2.73 -16.74
CA LYS B 123 5.25 2.19 -15.77
C LYS B 123 4.60 3.34 -14.98
N PRO B 124 3.33 3.16 -14.56
CA PRO B 124 2.74 4.12 -13.61
C PRO B 124 3.43 4.09 -12.25
N ARG B 125 3.50 5.24 -11.59
CA ARG B 125 4.05 5.34 -10.24
C ARG B 125 3.16 4.56 -9.27
N LEU B 126 1.85 4.73 -9.44
CA LEU B 126 0.85 3.92 -8.76
C LEU B 126 -0.26 3.53 -9.73
N THR B 127 -0.88 2.38 -9.45
CA THR B 127 -2.03 1.90 -10.18
C THR B 127 -3.09 1.55 -9.15
N PHE B 128 -4.25 2.20 -9.25
CA PHE B 128 -5.34 1.97 -8.32
C PHE B 128 -6.31 0.97 -8.93
N LEU B 129 -6.28 -0.25 -8.38
CA LEU B 129 -7.11 -1.35 -8.85
C LEU B 129 -8.42 -1.40 -8.05
N LEU B 130 -9.52 -0.99 -8.70
CA LEU B 130 -10.85 -1.08 -8.10
C LEU B 130 -11.36 -2.51 -8.26
N ASP B 131 -11.18 -3.30 -7.21
CA ASP B 131 -11.47 -4.74 -7.24
C ASP B 131 -12.88 -5.05 -6.72
N LEU B 132 -13.68 -5.70 -7.57
CA LEU B 132 -14.97 -6.26 -7.16
C LEU B 132 -15.29 -7.49 -8.01
N PRO B 133 -16.25 -8.34 -7.56
CA PRO B 133 -16.56 -9.55 -8.33
C PRO B 133 -17.23 -9.26 -9.68
N PRO B 134 -17.12 -10.19 -10.65
CA PRO B 134 -17.83 -10.07 -11.93
C PRO B 134 -19.34 -9.87 -11.82
N GLU B 135 -19.97 -10.58 -10.88
CA GLU B 135 -21.42 -10.48 -10.64
C GLU B 135 -21.85 -9.06 -10.27
N ALA B 136 -21.06 -8.40 -9.42
CA ALA B 136 -21.26 -7.00 -9.07
C ALA B 136 -20.95 -6.07 -10.24
N ALA B 137 -19.89 -6.38 -10.97
CA ALA B 137 -19.48 -5.61 -12.17
C ALA B 137 -20.55 -5.57 -13.27
N LEU B 138 -21.15 -6.72 -13.56
CA LEU B 138 -22.23 -6.80 -14.58
C LEU B 138 -23.52 -6.09 -14.14
N ARG B 139 -23.77 -6.05 -12.83
CA ARG B 139 -24.89 -5.29 -12.27
C ARG B 139 -24.67 -3.77 -12.41
N ARG B 140 -23.43 -3.33 -12.23
CA ARG B 140 -23.06 -1.91 -12.35
C ARG B 140 -23.18 -1.40 -13.80
N VAL B 141 -22.50 -2.08 -14.73
CA VAL B 141 -22.34 -1.60 -16.10
C VAL B 141 -23.53 -1.86 -17.04
N ARG B 142 -24.09 -3.06 -17.01
CA ARG B 142 -25.14 -3.48 -17.96
C ARG B 142 -26.08 -4.52 -17.38
N GLY B 151 -19.96 -13.80 -20.96
CA GLY B 151 -20.28 -14.65 -19.82
C GLY B 151 -19.44 -14.34 -18.61
N LEU B 152 -19.95 -14.68 -17.42
CA LEU B 152 -19.27 -14.43 -16.14
C LEU B 152 -17.95 -15.19 -15.97
N GLU B 153 -17.78 -16.30 -16.69
CA GLU B 153 -16.52 -17.05 -16.70
C GLU B 153 -15.35 -16.22 -17.25
N PHE B 154 -15.60 -15.45 -18.30
CA PHE B 154 -14.58 -14.58 -18.90
C PHE B 154 -14.12 -13.47 -17.94
N PHE B 155 -15.09 -12.80 -17.32
CA PHE B 155 -14.78 -11.72 -16.38
C PHE B 155 -14.16 -12.21 -15.07
N ARG B 156 -14.38 -13.49 -14.74
CA ARG B 156 -13.72 -14.13 -13.59
C ARG B 156 -12.22 -14.26 -13.81
N ARG B 157 -11.83 -14.69 -15.02
CA ARG B 157 -10.41 -14.79 -15.40
C ARG B 157 -9.73 -13.42 -15.43
N VAL B 158 -10.45 -12.40 -15.92
CA VAL B 158 -9.95 -11.03 -15.95
C VAL B 158 -9.71 -10.47 -14.53
N ARG B 159 -10.68 -10.69 -13.65
CA ARG B 159 -10.59 -10.30 -12.23
C ARG B 159 -9.39 -10.94 -11.54
N GLU B 160 -9.22 -12.25 -11.76
CA GLU B 160 -8.08 -13.00 -11.21
C GLU B 160 -6.75 -12.56 -11.82
N GLY B 161 -6.77 -12.20 -13.11
CA GLY B 161 -5.61 -11.63 -13.79
C GLY B 161 -5.13 -10.33 -13.17
N TYR B 162 -6.06 -9.42 -12.89
CA TYR B 162 -5.74 -8.17 -12.19
C TYR B 162 -5.09 -8.41 -10.82
N LEU B 163 -5.63 -9.37 -10.06
CA LEU B 163 -5.06 -9.73 -8.75
C LEU B 163 -3.70 -10.43 -8.89
N ALA B 164 -3.54 -11.24 -9.94
CA ALA B 164 -2.24 -11.86 -10.25
C ALA B 164 -1.18 -10.82 -10.60
N LEU B 165 -1.57 -9.78 -11.33
CA LEU B 165 -0.69 -8.64 -11.64
C LEU B 165 -0.38 -7.82 -10.39
N ALA B 166 -1.39 -7.64 -9.52
CA ALA B 166 -1.21 -6.98 -8.23
C ALA B 166 -0.26 -7.75 -7.30
N ARG B 167 -0.43 -9.06 -7.25
CA ARG B 167 0.46 -9.96 -6.51
C ARG B 167 1.91 -9.90 -7.04
N ALA B 168 2.06 -9.77 -8.35
CA ALA B 168 3.39 -9.64 -8.98
C ALA B 168 4.07 -8.28 -8.77
N GLU B 169 3.29 -7.21 -8.64
CA GLU B 169 3.81 -5.85 -8.43
C GLU B 169 3.05 -5.13 -7.31
N PRO B 170 3.17 -5.62 -6.07
CA PRO B 170 2.36 -5.11 -4.95
C PRO B 170 2.70 -3.69 -4.50
N GLY B 171 3.92 -3.22 -4.77
CA GLY B 171 4.29 -1.82 -4.54
C GLY B 171 3.58 -0.83 -5.47
N ARG B 172 3.44 -1.21 -6.73
CA ARG B 172 2.77 -0.39 -7.74
C ARG B 172 1.24 -0.44 -7.60
N PHE B 173 0.71 -1.66 -7.51
CA PHE B 173 -0.74 -1.88 -7.41
C PHE B 173 -1.25 -1.54 -6.02
N VAL B 174 -2.21 -0.62 -5.97
CA VAL B 174 -2.97 -0.30 -4.77
C VAL B 174 -4.34 -0.94 -4.95
N VAL B 175 -4.56 -2.08 -4.30
CA VAL B 175 -5.79 -2.84 -4.44
C VAL B 175 -6.83 -2.31 -3.45
N LEU B 176 -7.99 -1.91 -3.98
CA LEU B 176 -9.07 -1.34 -3.18
C LEU B 176 -10.40 -2.04 -3.47
N ASP B 177 -11.20 -2.20 -2.41
CA ASP B 177 -12.54 -2.80 -2.51
C ASP B 177 -13.46 -1.79 -3.20
N ALA B 178 -13.93 -2.14 -4.40
CA ALA B 178 -14.75 -1.23 -5.21
C ALA B 178 -16.21 -1.16 -4.75
N THR B 179 -16.65 -2.13 -3.95
CA THR B 179 -17.99 -2.10 -3.34
C THR B 179 -18.13 -1.08 -2.21
N LEU B 180 -17.01 -0.57 -1.69
CA LEU B 180 -17.04 0.50 -0.68
C LEU B 180 -17.67 1.80 -1.23
N PRO B 181 -18.09 2.72 -0.33
CA PRO B 181 -18.62 4.00 -0.83
C PRO B 181 -17.58 4.83 -1.57
N GLU B 182 -18.07 5.65 -2.50
CA GLU B 182 -17.23 6.47 -3.39
C GLU B 182 -16.33 7.43 -2.62
N GLU B 183 -16.88 8.03 -1.56
CA GLU B 183 -16.11 8.92 -0.66
C GLU B 183 -14.96 8.20 0.03
N GLU B 184 -15.25 7.03 0.58
CA GLU B 184 -14.25 6.22 1.28
C GLU B 184 -13.10 5.78 0.35
N ILE B 185 -13.44 5.47 -0.90
CA ILE B 185 -12.45 5.09 -1.91
C ILE B 185 -11.66 6.32 -2.37
N ALA B 186 -12.35 7.43 -2.62
CA ALA B 186 -11.71 8.69 -3.02
C ALA B 186 -10.78 9.23 -1.93
N ARG B 187 -11.21 9.13 -0.67
CA ARG B 187 -10.39 9.53 0.47
C ARG B 187 -9.14 8.65 0.62
N ALA B 188 -9.29 7.36 0.34
CA ALA B 188 -8.16 6.40 0.38
C ALA B 188 -7.14 6.65 -0.75
N ILE B 189 -7.64 6.96 -1.96
CA ILE B 189 -6.76 7.29 -3.08
C ILE B 189 -5.96 8.57 -2.80
N GLN B 190 -6.60 9.56 -2.21
CA GLN B 190 -5.91 10.80 -1.79
C GLN B 190 -4.85 10.54 -0.70
N ALA B 191 -5.12 9.58 0.19
CA ALA B 191 -4.16 9.20 1.23
C ALA B 191 -2.90 8.55 0.65
N HIS B 192 -3.06 7.69 -0.36
CA HIS B 192 -1.92 7.06 -1.05
C HIS B 192 -1.07 8.06 -1.84
N LEU B 193 -1.70 9.12 -2.34
CA LEU B 193 -1.00 10.15 -3.13
C LEU B 193 -0.43 11.30 -2.30
N ARG B 194 -0.96 11.53 -1.10
CA ARG B 194 -0.53 12.63 -0.22
C ARG B 194 1.01 12.80 -0.14
N PRO B 195 1.77 11.72 0.14
CA PRO B 195 3.23 11.86 0.19
C PRO B 195 3.93 12.01 -1.18
N LEU B 196 3.30 11.57 -2.26
CA LEU B 196 3.89 11.63 -3.61
C LEU B 196 3.80 13.01 -4.28
N LEU B 197 2.93 13.89 -3.79
CA LEU B 197 2.78 15.24 -4.34
C LEU B 197 3.83 16.18 -3.73
N PRO B 198 4.57 16.97 -4.54
CA PRO B 198 4.43 17.07 -6.00
C PRO B 198 5.13 15.94 -6.76
#